data_5ZYX
#
_entry.id   5ZYX
#
_entity_poly.entity_id   1
_entity_poly.type   'polypeptide(L)'
_entity_poly.pdbx_seq_one_letter_code
;RWKRHISEQLRRRDRLQRQA
;
_entity_poly.pdbx_strand_id   A
#
# COMPACT_ATOMS: atom_id res chain seq x y z
N ARG A 1 0.71 9.22 7.55
CA ARG A 1 1.63 8.20 8.01
C ARG A 1 1.52 6.94 7.16
N TRP A 2 0.30 6.60 6.77
CA TRP A 2 0.06 5.43 5.94
C TRP A 2 0.75 5.56 4.58
N LYS A 3 1.10 6.79 4.22
CA LYS A 3 1.76 7.05 2.95
C LYS A 3 3.10 6.31 2.87
N ARG A 4 3.75 6.15 4.03
CA ARG A 4 5.03 5.46 4.09
C ARG A 4 4.83 3.94 4.05
N HIS A 5 3.70 3.49 4.56
CA HIS A 5 3.39 2.07 4.59
C HIS A 5 2.75 1.63 3.27
N ILE A 6 2.25 2.59 2.51
CA ILE A 6 1.61 2.30 1.24
C ILE A 6 2.54 2.62 0.07
N SER A 7 3.33 3.68 0.21
CA SER A 7 4.28 4.08 -0.82
C SER A 7 5.13 2.91 -1.26
N GLU A 8 5.54 2.09 -0.30
CA GLU A 8 6.37 0.93 -0.60
C GLU A 8 5.53 -0.23 -1.12
N GLN A 9 4.29 -0.31 -0.65
CA GLN A 9 3.38 -1.38 -1.07
C GLN A 9 2.83 -1.09 -2.47
N LEU A 10 2.14 0.03 -2.61
CA LEU A 10 1.57 0.42 -3.90
C LEU A 10 2.61 0.33 -5.02
N ARG A 11 3.88 0.42 -4.63
CA ARG A 11 4.97 0.36 -5.60
C ARG A 11 5.38 -1.09 -5.86
N ARG A 12 5.29 -1.93 -4.83
CA ARG A 12 5.65 -3.33 -4.94
C ARG A 12 4.41 -4.19 -5.15
N ARG A 13 3.62 -4.35 -4.09
CA ARG A 13 2.41 -5.15 -4.15
C ARG A 13 1.18 -4.31 -3.81
N ASP A 14 0.66 -3.59 -4.80
CA ASP A 14 -0.51 -2.75 -4.60
C ASP A 14 -1.78 -3.59 -4.53
N ARG A 15 -1.81 -4.53 -3.59
CA ARG A 15 -2.96 -5.40 -3.42
C ARG A 15 -3.99 -4.77 -2.48
N LEU A 16 -3.63 -3.62 -1.91
CA LEU A 16 -4.52 -2.91 -1.00
C LEU A 16 -5.66 -2.24 -1.75
N GLN A 17 -5.38 -1.83 -2.98
CA GLN A 17 -6.39 -1.18 -3.82
C GLN A 17 -7.66 -2.02 -3.88
N ARG A 18 -7.50 -3.33 -3.86
CA ARG A 18 -8.63 -4.24 -3.93
C ARG A 18 -9.22 -4.49 -2.54
N GLN A 19 -8.39 -4.33 -1.51
CA GLN A 19 -8.83 -4.53 -0.13
C GLN A 19 -9.72 -3.39 0.32
N ALA A 20 -9.30 -2.15 0.04
CA ALA A 20 -10.07 -0.98 0.42
C ALA A 20 -10.32 -0.95 1.93
N ARG A 1 3.54 7.32 9.99
CA ARG A 1 2.16 7.00 9.64
C ARG A 1 2.08 5.71 8.84
N TRP A 2 0.87 5.26 8.56
CA TRP A 2 0.66 4.03 7.80
C TRP A 2 0.89 4.27 6.32
N LYS A 3 0.70 5.51 5.88
CA LYS A 3 0.88 5.88 4.49
C LYS A 3 2.32 5.63 4.04
N ARG A 4 3.26 5.87 4.95
CA ARG A 4 4.67 5.66 4.65
C ARG A 4 5.03 4.18 4.68
N HIS A 5 4.28 3.41 5.45
CA HIS A 5 4.51 1.98 5.57
C HIS A 5 3.77 1.21 4.47
N ILE A 6 2.79 1.87 3.86
CA ILE A 6 2.01 1.26 2.80
C ILE A 6 2.41 1.79 1.43
N SER A 7 2.81 3.06 1.40
CA SER A 7 3.22 3.70 0.15
C SER A 7 4.28 2.86 -0.57
N GLU A 8 5.24 2.35 0.20
CA GLU A 8 6.31 1.54 -0.36
C GLU A 8 5.83 0.10 -0.59
N GLN A 9 4.96 -0.37 0.29
CA GLN A 9 4.42 -1.73 0.18
C GLN A 9 3.47 -1.85 -1.01
N LEU A 10 2.43 -1.02 -1.01
CA LEU A 10 1.45 -1.04 -2.09
C LEU A 10 2.12 -0.89 -3.45
N ARG A 11 3.30 -0.28 -3.45
CA ARG A 11 4.06 -0.08 -4.69
C ARG A 11 4.45 -1.42 -5.30
N ARG A 12 5.17 -2.22 -4.52
CA ARG A 12 5.62 -3.54 -4.98
C ARG A 12 4.49 -4.56 -4.89
N ARG A 13 3.81 -4.59 -3.75
CA ARG A 13 2.71 -5.52 -3.54
C ARG A 13 1.42 -4.77 -3.20
N ASP A 14 0.70 -4.34 -4.23
CA ASP A 14 -0.56 -3.61 -4.04
C ASP A 14 -1.67 -4.56 -3.60
N ARG A 15 -1.48 -5.20 -2.45
CA ARG A 15 -2.46 -6.13 -1.93
C ARG A 15 -3.66 -5.38 -1.32
N LEU A 16 -3.37 -4.53 -0.36
CA LEU A 16 -4.41 -3.75 0.30
C LEU A 16 -4.71 -2.46 -0.47
N GLN A 17 -3.81 -2.11 -1.38
CA GLN A 17 -3.97 -0.90 -2.18
C GLN A 17 -5.34 -0.87 -2.84
N ARG A 18 -5.75 -2.00 -3.41
CA ARG A 18 -7.04 -2.11 -4.07
C ARG A 18 -8.18 -1.98 -3.07
N GLN A 19 -8.03 -2.63 -1.93
CA GLN A 19 -9.05 -2.59 -0.88
C GLN A 19 -9.31 -1.16 -0.43
N ALA A 20 -8.25 -0.50 0.04
CA ALA A 20 -8.36 0.88 0.50
C ALA A 20 -8.05 1.86 -0.63
N ARG A 1 0.87 8.82 7.90
CA ARG A 1 1.21 7.65 8.71
C ARG A 1 1.18 6.38 7.86
N TRP A 2 0.01 6.06 7.32
CA TRP A 2 -0.15 4.88 6.49
C TRP A 2 0.42 5.11 5.09
N LYS A 3 0.61 6.37 4.74
CA LYS A 3 1.15 6.73 3.43
C LYS A 3 2.54 6.15 3.25
N ARG A 4 3.32 6.13 4.33
CA ARG A 4 4.68 5.60 4.29
C ARG A 4 4.67 4.08 4.27
N HIS A 5 3.63 3.49 4.85
CA HIS A 5 3.50 2.03 4.90
C HIS A 5 2.84 1.52 3.63
N ILE A 6 2.13 2.39 2.93
CA ILE A 6 1.44 2.02 1.70
C ILE A 6 2.24 2.43 0.47
N SER A 7 2.90 3.57 0.56
CA SER A 7 3.70 4.09 -0.55
C SER A 7 4.68 3.02 -1.04
N GLU A 8 5.28 2.30 -0.10
CA GLU A 8 6.24 1.25 -0.44
C GLU A 8 5.52 -0.03 -0.85
N GLN A 9 4.34 -0.25 -0.28
CA GLN A 9 3.55 -1.44 -0.58
C GLN A 9 2.88 -1.32 -1.95
N LEU A 10 2.06 -0.29 -2.10
CA LEU A 10 1.35 -0.06 -3.36
C LEU A 10 2.34 0.03 -4.52
N ARG A 11 3.60 0.32 -4.21
CA ARG A 11 4.63 0.43 -5.23
C ARG A 11 5.11 -0.95 -5.67
N ARG A 12 5.26 -1.85 -4.71
CA ARG A 12 5.73 -3.21 -4.99
C ARG A 12 4.54 -4.15 -5.18
N ARG A 13 3.81 -4.39 -4.09
CA ARG A 13 2.65 -5.27 -4.13
C ARG A 13 1.39 -4.54 -3.69
N ASP A 14 0.76 -3.84 -4.64
CA ASP A 14 -0.45 -3.09 -4.36
C ASP A 14 -1.66 -4.03 -4.23
N ARG A 15 -1.58 -4.95 -3.28
CA ARG A 15 -2.65 -5.92 -3.07
C ARG A 15 -3.73 -5.33 -2.15
N LEU A 16 -3.34 -4.32 -1.38
CA LEU A 16 -4.27 -3.67 -0.45
C LEU A 16 -5.11 -2.62 -1.17
N GLN A 17 -4.59 -2.12 -2.29
CA GLN A 17 -5.29 -1.11 -3.07
C GLN A 17 -6.71 -1.57 -3.41
N ARG A 18 -6.88 -2.87 -3.57
CA ARG A 18 -8.19 -3.43 -3.89
C ARG A 18 -9.06 -3.51 -2.65
N GLN A 19 -8.46 -3.83 -1.52
CA GLN A 19 -9.18 -3.94 -0.26
C GLN A 19 -9.76 -2.59 0.15
N ALA A 20 -8.91 -1.59 0.25
CA ALA A 20 -9.33 -0.24 0.64
C ALA A 20 -9.71 0.58 -0.60
N ARG A 1 1.18 9.04 7.61
CA ARG A 1 1.20 7.90 8.52
C ARG A 1 1.14 6.57 7.76
N TRP A 2 -0.01 6.32 7.14
CA TRP A 2 -0.19 5.08 6.37
C TRP A 2 0.42 5.22 4.98
N LYS A 3 0.66 6.45 4.56
CA LYS A 3 1.24 6.72 3.24
C LYS A 3 2.62 6.09 3.12
N ARG A 4 3.38 6.11 4.22
CA ARG A 4 4.71 5.54 4.24
C ARG A 4 4.65 4.01 4.31
N HIS A 5 3.58 3.50 4.90
CA HIS A 5 3.40 2.05 5.03
C HIS A 5 2.74 1.47 3.78
N ILE A 6 2.07 2.33 3.01
CA ILE A 6 1.40 1.90 1.79
C ILE A 6 2.24 2.21 0.56
N SER A 7 2.94 3.35 0.60
CA SER A 7 3.78 3.76 -0.52
C SER A 7 4.74 2.64 -0.92
N GLU A 8 5.29 1.95 0.07
CA GLU A 8 6.22 0.86 -0.20
C GLU A 8 5.47 -0.42 -0.54
N GLN A 9 4.29 -0.60 0.06
CA GLN A 9 3.47 -1.77 -0.18
C GLN A 9 2.84 -1.72 -1.57
N LEU A 10 2.05 -0.67 -1.81
CA LEU A 10 1.39 -0.50 -3.09
C LEU A 10 2.40 -0.50 -4.24
N ARG A 11 3.66 -0.24 -3.91
CA ARG A 11 4.71 -0.21 -4.91
C ARG A 11 5.16 -1.62 -5.27
N ARG A 12 5.28 -2.48 -4.26
CA ARG A 12 5.71 -3.86 -4.47
C ARG A 12 4.49 -4.78 -4.61
N ARG A 13 3.74 -4.93 -3.52
CA ARG A 13 2.57 -5.78 -3.52
C ARG A 13 1.31 -4.98 -3.16
N ASP A 14 0.72 -4.33 -4.16
CA ASP A 14 -0.48 -3.54 -3.94
C ASP A 14 -1.71 -4.43 -3.78
N ARG A 15 -1.67 -5.30 -2.78
CA ARG A 15 -2.79 -6.21 -2.53
C ARG A 15 -3.86 -5.54 -1.68
N LEU A 16 -3.47 -4.49 -0.97
CA LEU A 16 -4.40 -3.75 -0.13
C LEU A 16 -5.18 -2.72 -0.94
N GLN A 17 -4.62 -2.32 -2.08
CA GLN A 17 -5.27 -1.35 -2.95
C GLN A 17 -6.68 -1.80 -3.33
N ARG A 18 -6.88 -3.11 -3.37
CA ARG A 18 -8.19 -3.67 -3.72
C ARG A 18 -9.15 -3.55 -2.56
N GLN A 19 -8.63 -3.64 -1.34
CA GLN A 19 -9.45 -3.53 -0.14
C GLN A 19 -9.86 -2.09 0.12
N ALA A 20 -8.87 -1.20 0.19
CA ALA A 20 -9.12 0.21 0.43
C ALA A 20 -8.87 1.04 -0.83
N ARG A 1 3.12 8.01 9.21
CA ARG A 1 1.79 7.41 9.08
C ARG A 1 1.86 6.11 8.29
N TRP A 2 0.71 5.51 8.05
CA TRP A 2 0.63 4.25 7.30
C TRP A 2 0.86 4.50 5.81
N LYS A 3 0.70 5.75 5.39
CA LYS A 3 0.88 6.11 3.99
C LYS A 3 2.32 5.82 3.54
N ARG A 4 3.27 6.05 4.44
CA ARG A 4 4.67 5.81 4.13
C ARG A 4 4.99 4.31 4.16
N HIS A 5 4.24 3.57 4.95
CA HIS A 5 4.44 2.12 5.06
C HIS A 5 3.67 1.38 3.97
N ILE A 6 2.65 2.04 3.42
CA ILE A 6 1.84 1.44 2.37
C ILE A 6 2.28 1.92 0.99
N SER A 7 2.68 3.19 0.92
CA SER A 7 3.14 3.77 -0.35
C SER A 7 4.19 2.89 -1.01
N GLU A 8 5.13 2.40 -0.21
CA GLU A 8 6.20 1.54 -0.71
C GLU A 8 5.71 0.11 -0.91
N GLN A 9 4.80 -0.32 -0.04
CA GLN A 9 4.24 -1.67 -0.12
C GLN A 9 3.32 -1.81 -1.32
N LEU A 10 2.27 -1.00 -1.34
CA LEU A 10 1.31 -1.03 -2.44
C LEU A 10 2.00 -0.82 -3.79
N ARG A 11 3.19 -0.23 -3.74
CA ARG A 11 3.95 0.04 -4.95
C ARG A 11 4.42 -1.27 -5.58
N ARG A 12 5.10 -2.09 -4.80
CA ARG A 12 5.61 -3.37 -5.28
C ARG A 12 4.52 -4.44 -5.25
N ARG A 13 3.78 -4.48 -4.15
CA ARG A 13 2.71 -5.46 -3.99
C ARG A 13 1.37 -4.76 -3.74
N ASP A 14 0.72 -4.34 -4.82
CA ASP A 14 -0.57 -3.66 -4.72
C ASP A 14 -1.68 -4.66 -4.41
N ARG A 15 -1.56 -5.35 -3.28
CA ARG A 15 -2.55 -6.34 -2.88
C ARG A 15 -3.56 -5.72 -1.91
N LEU A 16 -3.08 -4.84 -1.05
CA LEU A 16 -3.93 -4.18 -0.06
C LEU A 16 -4.58 -2.93 -0.66
N GLN A 17 -3.93 -2.35 -1.66
CA GLN A 17 -4.45 -1.16 -2.31
C GLN A 17 -5.87 -1.38 -2.81
N ARG A 18 -6.18 -2.63 -3.17
CA ARG A 18 -7.51 -2.97 -3.66
C ARG A 18 -8.52 -3.01 -2.51
N GLN A 19 -8.04 -3.33 -1.32
CA GLN A 19 -8.91 -3.40 -0.15
C GLN A 19 -9.14 -2.01 0.45
N ALA A 20 -8.07 -1.23 0.54
CA ALA A 20 -8.16 0.12 1.08
C ALA A 20 -8.76 0.11 2.49
N ARG A 1 0.71 8.91 8.07
CA ARG A 1 1.79 7.99 8.43
C ARG A 1 1.69 6.71 7.60
N TRP A 2 0.47 6.23 7.39
CA TRP A 2 0.25 5.02 6.61
C TRP A 2 0.74 5.18 5.18
N LYS A 3 0.92 6.43 4.76
CA LYS A 3 1.40 6.72 3.41
C LYS A 3 2.77 6.11 3.18
N ARG A 4 3.60 6.12 4.21
CA ARG A 4 4.95 5.56 4.12
C ARG A 4 4.91 4.03 4.15
N HIS A 5 3.89 3.48 4.82
CA HIS A 5 3.74 2.04 4.93
C HIS A 5 2.99 1.47 3.73
N ILE A 6 2.27 2.34 3.04
CA ILE A 6 1.49 1.93 1.87
C ILE A 6 2.23 2.28 0.58
N SER A 7 2.91 3.42 0.58
CA SER A 7 3.65 3.86 -0.59
C SER A 7 4.58 2.76 -1.10
N GLU A 8 5.23 2.06 -0.17
CA GLU A 8 6.13 0.98 -0.53
C GLU A 8 5.36 -0.30 -0.84
N GLN A 9 4.23 -0.47 -0.18
CA GLN A 9 3.39 -1.65 -0.38
C GLN A 9 2.65 -1.58 -1.71
N LEU A 10 1.83 -0.53 -1.86
CA LEU A 10 1.05 -0.34 -3.08
C LEU A 10 1.96 -0.32 -4.30
N ARG A 11 3.25 -0.04 -4.07
CA ARG A 11 4.23 0.01 -5.16
C ARG A 11 4.64 -1.40 -5.58
N ARG A 12 4.84 -2.27 -4.59
CA ARG A 12 5.25 -3.64 -4.86
C ARG A 12 4.04 -4.57 -4.92
N ARG A 13 3.37 -4.74 -3.78
CA ARG A 13 2.20 -5.60 -3.71
C ARG A 13 0.99 -4.82 -3.23
N ASP A 14 0.31 -4.15 -4.16
CA ASP A 14 -0.87 -3.37 -3.84
C ASP A 14 -2.08 -4.28 -3.61
N ARG A 15 -1.96 -5.17 -2.62
CA ARG A 15 -3.04 -6.09 -2.30
C ARG A 15 -4.15 -5.38 -1.52
N LEU A 16 -3.79 -4.32 -0.81
CA LEU A 16 -4.74 -3.55 -0.03
C LEU A 16 -5.54 -2.61 -0.91
N GLN A 17 -4.98 -2.28 -2.07
CA GLN A 17 -5.64 -1.38 -3.01
C GLN A 17 -7.05 -1.85 -3.33
N ARG A 18 -7.23 -3.17 -3.33
CA ARG A 18 -8.53 -3.76 -3.62
C ARG A 18 -9.41 -3.79 -2.37
N GLN A 19 -8.76 -3.81 -1.21
CA GLN A 19 -9.49 -3.84 0.05
C GLN A 19 -10.00 -2.46 0.43
N ALA A 20 -9.09 -1.49 0.51
CA ALA A 20 -9.44 -0.12 0.85
C ALA A 20 -10.42 0.46 -0.15
N ARG A 1 0.67 8.52 8.58
CA ARG A 1 1.58 7.54 9.16
C ARG A 1 1.57 6.24 8.38
N TRP A 2 0.37 5.75 8.10
CA TRP A 2 0.22 4.50 7.34
C TRP A 2 0.56 4.71 5.87
N LYS A 3 0.41 5.94 5.40
CA LYS A 3 0.72 6.27 4.01
C LYS A 3 2.18 5.99 3.70
N ARG A 4 3.05 6.24 4.66
CA ARG A 4 4.49 6.02 4.49
C ARG A 4 4.81 4.53 4.58
N HIS A 5 3.99 3.79 5.31
CA HIS A 5 4.20 2.36 5.49
C HIS A 5 3.55 1.57 4.36
N ILE A 6 2.64 2.22 3.64
CA ILE A 6 1.94 1.58 2.53
C ILE A 6 2.46 2.09 1.20
N SER A 7 2.86 3.36 1.15
CA SER A 7 3.37 3.97 -0.06
C SER A 7 4.45 3.09 -0.70
N GLU A 8 5.35 2.58 0.13
CA GLU A 8 6.43 1.73 -0.35
C GLU A 8 5.94 0.30 -0.58
N GLN A 9 4.93 -0.10 0.20
CA GLN A 9 4.36 -1.44 0.09
C GLN A 9 3.53 -1.56 -1.19
N LEU A 10 2.51 -0.73 -1.32
CA LEU A 10 1.64 -0.75 -2.48
C LEU A 10 2.46 -0.70 -3.77
N ARG A 11 3.63 -0.08 -3.70
CA ARG A 11 4.50 0.03 -4.86
C ARG A 11 4.89 -1.35 -5.39
N ARG A 12 5.49 -2.17 -4.53
CA ARG A 12 5.91 -3.51 -4.90
C ARG A 12 4.72 -4.47 -4.92
N ARG A 13 3.90 -4.39 -3.87
CA ARG A 13 2.73 -5.26 -3.76
C ARG A 13 1.46 -4.42 -3.62
N ASP A 14 0.91 -3.98 -4.74
CA ASP A 14 -0.30 -3.18 -4.74
C ASP A 14 -1.52 -4.04 -4.47
N ARG A 15 -1.54 -4.69 -3.31
CA ARG A 15 -2.65 -5.55 -2.92
C ARG A 15 -3.85 -4.72 -2.47
N LEU A 16 -3.65 -3.90 -1.44
CA LEU A 16 -4.72 -3.06 -0.92
C LEU A 16 -5.14 -2.01 -1.94
N GLN A 17 -4.30 -1.82 -2.96
CA GLN A 17 -4.60 -0.85 -4.01
C GLN A 17 -5.93 -1.14 -4.67
N ARG A 18 -6.26 -2.42 -4.81
CA ARG A 18 -7.50 -2.83 -5.43
C ARG A 18 -8.65 -2.80 -4.42
N GLN A 19 -8.33 -3.08 -3.16
CA GLN A 19 -9.33 -3.08 -2.10
C GLN A 19 -9.88 -1.67 -1.87
N ALA A 20 -8.98 -0.71 -1.72
CA ALA A 20 -9.37 0.68 -1.50
C ALA A 20 -8.62 1.62 -2.43
N ARG A 1 2.99 6.94 10.37
CA ARG A 1 1.67 6.95 9.72
C ARG A 1 1.52 5.76 8.79
N TRP A 2 0.34 5.64 8.19
CA TRP A 2 0.06 4.53 7.27
C TRP A 2 0.57 4.86 5.87
N LYS A 3 0.80 6.14 5.61
CA LYS A 3 1.29 6.58 4.31
C LYS A 3 2.64 5.95 3.99
N ARG A 4 3.47 5.79 5.02
CA ARG A 4 4.80 5.20 4.85
C ARG A 4 4.70 3.69 4.71
N HIS A 5 3.67 3.11 5.30
CA HIS A 5 3.45 1.66 5.23
C HIS A 5 2.69 1.28 3.96
N ILE A 6 2.01 2.25 3.37
CA ILE A 6 1.24 2.02 2.16
C ILE A 6 1.99 2.51 0.92
N SER A 7 2.72 3.62 1.09
CA SER A 7 3.48 4.19 -0.02
C SER A 7 4.34 3.13 -0.69
N GLU A 8 4.98 2.29 0.11
CA GLU A 8 5.83 1.22 -0.40
C GLU A 8 5.01 0.03 -0.86
N GLN A 9 3.84 -0.15 -0.25
CA GLN A 9 2.95 -1.25 -0.59
C GLN A 9 2.22 -0.97 -1.90
N LEU A 10 1.45 0.11 -1.92
CA LEU A 10 0.70 0.49 -3.11
C LEU A 10 1.61 0.54 -4.33
N ARG A 11 2.90 0.73 -4.10
CA ARG A 11 3.87 0.79 -5.19
C ARG A 11 4.13 -0.60 -5.77
N ARG A 12 4.34 -1.58 -4.90
CA ARG A 12 4.60 -2.94 -5.33
C ARG A 12 3.45 -3.86 -4.92
N ARG A 13 3.33 -4.13 -3.63
CA ARG A 13 2.29 -4.99 -3.11
C ARG A 13 1.02 -4.19 -2.80
N ASP A 14 0.41 -3.66 -3.85
CA ASP A 14 -0.82 -2.88 -3.69
C ASP A 14 -2.02 -3.78 -3.41
N ARG A 15 -1.94 -4.53 -2.32
CA ARG A 15 -3.01 -5.44 -1.94
C ARG A 15 -4.26 -4.66 -1.53
N LEU A 16 -4.06 -3.56 -0.82
CA LEU A 16 -5.17 -2.72 -0.37
C LEU A 16 -6.10 -2.37 -1.53
N GLN A 17 -5.53 -1.78 -2.58
CA GLN A 17 -6.30 -1.39 -3.75
C GLN A 17 -7.09 -2.57 -4.30
N ARG A 18 -6.57 -3.77 -4.09
CA ARG A 18 -7.24 -4.98 -4.56
C ARG A 18 -8.33 -5.41 -3.59
N GLN A 19 -8.10 -5.17 -2.30
CA GLN A 19 -9.07 -5.54 -1.27
C GLN A 19 -10.21 -4.53 -1.23
N ALA A 20 -9.90 -3.29 -0.90
CA ALA A 20 -10.91 -2.24 -0.81
C ALA A 20 -10.28 -0.86 -0.92
N ARG A 1 3.77 6.45 9.89
CA ARG A 1 2.39 6.46 9.46
C ARG A 1 2.12 5.32 8.49
N TRP A 2 0.91 5.30 7.93
CA TRP A 2 0.52 4.25 6.98
C TRP A 2 1.09 4.55 5.60
N LYS A 3 1.47 5.81 5.37
CA LYS A 3 2.02 6.22 4.09
C LYS A 3 3.31 5.46 3.78
N ARG A 4 4.10 5.19 4.82
CA ARG A 4 5.35 4.47 4.66
C ARG A 4 5.10 2.97 4.46
N HIS A 5 3.99 2.49 5.01
CA HIS A 5 3.64 1.08 4.90
C HIS A 5 2.86 0.82 3.61
N ILE A 6 2.25 1.87 3.06
CA ILE A 6 1.48 1.75 1.84
C ILE A 6 2.31 2.17 0.63
N SER A 7 3.15 3.18 0.81
CA SER A 7 4.00 3.67 -0.27
C SER A 7 4.78 2.53 -0.92
N GLU A 8 5.30 1.63 -0.09
CA GLU A 8 6.07 0.49 -0.59
C GLU A 8 5.14 -0.62 -1.07
N GLN A 9 3.96 -0.69 -0.46
CA GLN A 9 2.98 -1.71 -0.82
C GLN A 9 2.30 -1.37 -2.15
N LEU A 10 1.65 -0.22 -2.19
CA LEU A 10 0.96 0.23 -3.41
C LEU A 10 1.94 0.33 -4.58
N ARG A 11 3.22 0.38 -4.26
CA ARG A 11 4.25 0.48 -5.29
C ARG A 11 4.44 -0.86 -6.00
N ARG A 12 4.53 -1.93 -5.22
CA ARG A 12 4.71 -3.27 -5.77
C ARG A 12 3.48 -4.14 -5.51
N ARG A 13 3.29 -4.50 -4.24
CA ARG A 13 2.15 -5.33 -3.86
C ARG A 13 0.93 -4.48 -3.56
N ASP A 14 0.43 -3.80 -4.59
CA ASP A 14 -0.74 -2.94 -4.43
C ASP A 14 -2.02 -3.77 -4.33
N ARG A 15 -2.08 -4.64 -3.32
CA ARG A 15 -3.23 -5.50 -3.13
C ARG A 15 -4.22 -4.87 -2.14
N LEU A 16 -3.79 -3.77 -1.52
CA LEU A 16 -4.64 -3.07 -0.55
C LEU A 16 -5.72 -2.26 -1.25
N GLN A 17 -5.43 -1.85 -2.48
CA GLN A 17 -6.39 -1.08 -3.26
C GLN A 17 -7.76 -1.76 -3.30
N ARG A 18 -7.74 -3.08 -3.45
CA ARG A 18 -8.97 -3.86 -3.51
C ARG A 18 -9.47 -4.17 -2.09
N GLN A 19 -8.56 -4.17 -1.13
CA GLN A 19 -8.91 -4.47 0.26
C GLN A 19 -9.82 -3.38 0.82
N ALA A 20 -9.58 -2.14 0.42
CA ALA A 20 -10.39 -1.02 0.89
C ALA A 20 -10.29 -0.88 2.41
N ARG A 1 1.32 8.75 8.07
CA ARG A 1 1.58 7.51 8.80
C ARG A 1 1.38 6.29 7.91
N TRP A 2 0.20 6.21 7.29
CA TRP A 2 -0.11 5.09 6.41
C TRP A 2 0.61 5.23 5.07
N LYS A 3 1.06 6.45 4.78
CA LYS A 3 1.77 6.71 3.53
C LYS A 3 3.05 5.90 3.45
N ARG A 4 3.71 5.70 4.59
CA ARG A 4 4.95 4.94 4.64
C ARG A 4 4.66 3.45 4.56
N HIS A 5 3.48 3.05 5.03
CA HIS A 5 3.09 1.64 5.01
C HIS A 5 2.45 1.27 3.67
N ILE A 6 1.95 2.28 2.96
CA ILE A 6 1.31 2.06 1.67
C ILE A 6 2.28 2.33 0.53
N SER A 7 3.14 3.33 0.71
CA SER A 7 4.13 3.70 -0.30
C SER A 7 4.92 2.47 -0.75
N GLU A 8 5.32 1.66 0.21
CA GLU A 8 6.09 0.46 -0.09
C GLU A 8 5.18 -0.68 -0.56
N GLN A 9 3.94 -0.67 -0.08
CA GLN A 9 2.97 -1.69 -0.45
C GLN A 9 2.46 -1.46 -1.88
N LEU A 10 1.85 -0.31 -2.10
CA LEU A 10 1.32 0.03 -3.42
C LEU A 10 2.42 -0.01 -4.48
N ARG A 11 3.67 0.04 -4.03
CA ARG A 11 4.81 0.02 -4.94
C ARG A 11 5.03 -1.39 -5.49
N ARG A 12 4.99 -2.38 -4.59
CA ARG A 12 5.17 -3.77 -4.99
C ARG A 12 3.90 -4.57 -4.79
N ARG A 13 3.54 -4.80 -3.54
CA ARG A 13 2.34 -5.56 -3.21
C ARG A 13 1.11 -4.65 -3.14
N ASP A 14 0.77 -4.05 -4.27
CA ASP A 14 -0.38 -3.16 -4.33
C ASP A 14 -1.69 -3.95 -4.30
N ARG A 15 -1.89 -4.70 -3.23
CA ARG A 15 -3.10 -5.51 -3.09
C ARG A 15 -4.16 -4.77 -2.28
N LEU A 16 -3.75 -3.65 -1.67
CA LEU A 16 -4.65 -2.85 -0.86
C LEU A 16 -5.67 -2.12 -1.74
N GLN A 17 -5.25 -1.76 -2.94
CA GLN A 17 -6.12 -1.06 -3.88
C GLN A 17 -7.44 -1.80 -4.05
N ARG A 18 -7.38 -3.13 -3.99
CA ARG A 18 -8.58 -3.95 -4.14
C ARG A 18 -9.30 -4.11 -2.80
N GLN A 19 -8.55 -3.99 -1.71
CA GLN A 19 -9.12 -4.13 -0.38
C GLN A 19 -10.09 -2.98 -0.09
N ALA A 20 -9.59 -1.75 -0.19
CA ALA A 20 -10.41 -0.58 0.06
C ALA A 20 -11.06 -0.65 1.44
N ARG A 1 0.36 9.10 7.79
CA ARG A 1 1.28 8.11 8.34
C ARG A 1 1.24 6.82 7.54
N TRP A 2 0.04 6.45 7.09
CA TRP A 2 -0.14 5.23 6.31
C TRP A 2 0.43 5.39 4.91
N LYS A 3 0.63 6.64 4.50
CA LYS A 3 1.19 6.93 3.18
C LYS A 3 2.58 6.33 3.02
N ARG A 4 3.31 6.26 4.12
CA ARG A 4 4.66 5.69 4.11
C ARG A 4 4.61 4.17 4.12
N HIS A 5 3.57 3.62 4.72
CA HIS A 5 3.41 2.17 4.80
C HIS A 5 2.72 1.64 3.55
N ILE A 6 2.05 2.53 2.82
CA ILE A 6 1.34 2.15 1.61
C ILE A 6 2.15 2.51 0.36
N SER A 7 2.84 3.64 0.42
CA SER A 7 3.66 4.11 -0.70
C SER A 7 4.60 3.00 -1.18
N GLU A 8 5.20 2.29 -0.22
CA GLU A 8 6.12 1.22 -0.54
C GLU A 8 5.37 -0.07 -0.90
N GLN A 9 4.21 -0.25 -0.27
CA GLN A 9 3.39 -1.44 -0.52
C GLN A 9 2.72 -1.35 -1.88
N LEU A 10 1.92 -0.30 -2.08
CA LEU A 10 1.21 -0.10 -3.33
C LEU A 10 2.18 -0.04 -4.51
N ARG A 11 3.45 0.21 -4.20
CA ARG A 11 4.48 0.30 -5.23
C ARG A 11 4.94 -1.10 -5.66
N ARG A 12 5.09 -1.99 -4.68
CA ARG A 12 5.52 -3.35 -4.95
C ARG A 12 4.32 -4.28 -5.09
N ARG A 13 3.60 -4.48 -3.99
CA ARG A 13 2.44 -5.35 -3.97
C ARG A 13 1.19 -4.58 -3.55
N ASP A 14 0.57 -3.91 -4.50
CA ASP A 14 -0.64 -3.14 -4.23
C ASP A 14 -1.85 -4.05 -4.07
N ARG A 15 -1.77 -4.95 -3.09
CA ARG A 15 -2.87 -5.88 -2.84
C ARG A 15 -3.93 -5.26 -1.95
N LEU A 16 -3.54 -4.20 -1.23
CA LEU A 16 -4.47 -3.51 -0.34
C LEU A 16 -5.28 -2.47 -1.10
N GLN A 17 -4.77 -2.05 -2.25
CA GLN A 17 -5.44 -1.06 -3.07
C GLN A 17 -6.88 -1.48 -3.36
N ARG A 18 -7.10 -2.78 -3.46
CA ARG A 18 -8.44 -3.32 -3.72
C ARG A 18 -9.25 -3.40 -2.44
N GLN A 19 -8.57 -3.59 -1.31
CA GLN A 19 -9.23 -3.69 -0.02
C GLN A 19 -9.85 -2.36 0.37
N ALA A 20 -9.01 -1.35 0.54
CA ALA A 20 -9.48 -0.02 0.92
C ALA A 20 -8.65 1.07 0.24
N ARG A 1 1.20 9.05 7.63
CA ARG A 1 1.48 7.82 8.36
C ARG A 1 1.27 6.61 7.46
N TRP A 2 0.03 6.38 7.07
CA TRP A 2 -0.30 5.25 6.21
C TRP A 2 0.35 5.39 4.84
N LYS A 3 0.74 6.61 4.51
CA LYS A 3 1.38 6.89 3.23
C LYS A 3 2.70 6.14 3.10
N ARG A 4 3.41 6.02 4.21
CA ARG A 4 4.70 5.32 4.23
C ARG A 4 4.49 3.80 4.19
N HIS A 5 3.34 3.36 4.69
CA HIS A 5 3.02 1.94 4.71
C HIS A 5 2.37 1.50 3.40
N ILE A 6 1.77 2.46 2.71
CA ILE A 6 1.11 2.19 1.43
C ILE A 6 2.03 2.50 0.25
N SER A 7 2.84 3.53 0.40
CA SER A 7 3.76 3.93 -0.65
C SER A 7 4.61 2.75 -1.11
N GLU A 8 5.08 1.96 -0.14
CA GLU A 8 5.91 0.81 -0.44
C GLU A 8 5.05 -0.39 -0.86
N GLN A 9 3.81 -0.42 -0.36
CA GLN A 9 2.89 -1.50 -0.68
C GLN A 9 2.32 -1.33 -2.09
N LEU A 10 1.64 -0.20 -2.31
CA LEU A 10 1.04 0.09 -3.60
C LEU A 10 2.08 -0.02 -4.71
N ARG A 11 3.35 0.08 -4.35
CA ARG A 11 4.44 0.00 -5.32
C ARG A 11 4.69 -1.46 -5.73
N ARG A 12 4.75 -2.34 -4.74
CA ARG A 12 4.98 -3.76 -4.99
C ARG A 12 3.69 -4.56 -4.83
N ARG A 13 3.19 -4.62 -3.60
CA ARG A 13 1.96 -5.36 -3.32
C ARG A 13 0.81 -4.40 -3.01
N ASP A 14 0.18 -3.89 -4.06
CA ASP A 14 -0.94 -2.96 -3.91
C ASP A 14 -2.20 -3.71 -3.49
N ARG A 15 -2.12 -4.42 -2.38
CA ARG A 15 -3.27 -5.18 -1.87
C ARG A 15 -4.20 -4.27 -1.07
N LEU A 16 -3.65 -3.23 -0.47
CA LEU A 16 -4.43 -2.30 0.33
C LEU A 16 -5.63 -1.79 -0.46
N GLN A 17 -5.38 -1.23 -1.63
CA GLN A 17 -6.44 -0.71 -2.48
C GLN A 17 -7.51 -1.76 -2.72
N ARG A 18 -7.10 -3.03 -2.71
CA ARG A 18 -8.03 -4.13 -2.93
C ARG A 18 -8.76 -4.49 -1.64
N GLN A 19 -8.10 -4.28 -0.51
CA GLN A 19 -8.69 -4.58 0.79
C GLN A 19 -9.65 -3.47 1.23
N ALA A 20 -9.10 -2.27 1.45
CA ALA A 20 -9.90 -1.13 1.86
C ALA A 20 -9.72 0.04 0.90
N ARG A 1 2.78 7.77 9.85
CA ARG A 1 1.45 7.47 9.30
C ARG A 1 1.48 6.17 8.50
N TRP A 2 0.32 5.78 7.97
CA TRP A 2 0.21 4.56 7.18
C TRP A 2 0.63 4.81 5.73
N LYS A 3 0.64 6.07 5.33
CA LYS A 3 1.01 6.44 3.97
C LYS A 3 2.43 5.99 3.65
N ARG A 4 3.31 6.06 4.65
CA ARG A 4 4.70 5.65 4.48
C ARG A 4 4.82 4.14 4.49
N HIS A 5 3.91 3.48 5.19
CA HIS A 5 3.92 2.02 5.28
C HIS A 5 3.17 1.40 4.11
N ILE A 6 2.34 2.20 3.45
CA ILE A 6 1.57 1.73 2.31
C ILE A 6 2.19 2.19 1.00
N SER A 7 2.75 3.39 1.01
CA SER A 7 3.38 3.94 -0.19
C SER A 7 4.36 2.94 -0.81
N GLU A 8 5.18 2.32 0.03
CA GLU A 8 6.15 1.33 -0.42
C GLU A 8 5.50 -0.02 -0.66
N GLN A 9 4.45 -0.30 0.11
CA GLN A 9 3.73 -1.56 -0.02
C GLN A 9 2.88 -1.59 -1.29
N LEU A 10 1.95 -0.65 -1.39
CA LEU A 10 1.08 -0.57 -2.55
C LEU A 10 1.89 -0.54 -3.84
N ARG A 11 3.15 -0.11 -3.74
CA ARG A 11 4.02 -0.04 -4.90
C ARG A 11 4.29 -1.44 -5.46
N ARG A 12 4.81 -2.32 -4.60
CA ARG A 12 5.11 -3.68 -5.01
C ARG A 12 3.87 -4.57 -4.95
N ARG A 13 3.12 -4.46 -3.86
CA ARG A 13 1.91 -5.24 -3.69
C ARG A 13 0.70 -4.33 -3.49
N ASP A 14 0.14 -3.86 -4.60
CA ASP A 14 -1.03 -2.99 -4.54
C ASP A 14 -2.20 -3.66 -3.82
N ARG A 15 -2.10 -4.98 -3.66
CA ARG A 15 -3.14 -5.75 -2.99
C ARG A 15 -3.64 -5.02 -1.75
N LEU A 16 -2.71 -4.39 -1.02
CA LEU A 16 -3.05 -3.67 0.19
C LEU A 16 -3.88 -2.43 -0.13
N GLN A 17 -3.36 -1.60 -1.04
CA GLN A 17 -4.05 -0.38 -1.44
C GLN A 17 -5.50 -0.68 -1.82
N ARG A 18 -5.71 -1.82 -2.46
CA ARG A 18 -7.05 -2.23 -2.88
C ARG A 18 -7.79 -2.94 -1.75
N GLN A 19 -7.04 -3.51 -0.83
CA GLN A 19 -7.62 -4.22 0.31
C GLN A 19 -8.60 -3.32 1.07
N ALA A 20 -8.07 -2.25 1.66
CA ALA A 20 -8.89 -1.31 2.41
C ALA A 20 -9.62 -0.35 1.48
N ARG A 1 0.24 8.92 7.61
CA ARG A 1 0.76 7.87 8.47
C ARG A 1 0.94 6.57 7.68
N TRP A 2 -0.18 5.97 7.29
CA TRP A 2 -0.15 4.72 6.53
C TRP A 2 0.37 4.96 5.12
N LYS A 3 0.34 6.22 4.69
CA LYS A 3 0.80 6.58 3.35
C LYS A 3 2.25 6.18 3.15
N ARG A 4 3.06 6.31 4.21
CA ARG A 4 4.46 5.96 4.15
C ARG A 4 4.66 4.45 4.22
N HIS A 5 3.73 3.77 4.89
CA HIS A 5 3.79 2.32 5.01
C HIS A 5 3.15 1.63 3.82
N ILE A 6 2.35 2.39 3.06
CA ILE A 6 1.68 1.85 1.89
C ILE A 6 2.36 2.32 0.60
N SER A 7 2.88 3.54 0.63
CA SER A 7 3.56 4.10 -0.54
C SER A 7 4.58 3.12 -1.09
N GLU A 8 5.37 2.52 -0.21
CA GLU A 8 6.39 1.56 -0.62
C GLU A 8 5.76 0.19 -0.91
N GLN A 9 4.70 -0.14 -0.17
CA GLN A 9 4.02 -1.41 -0.35
C GLN A 9 3.24 -1.44 -1.66
N LEU A 10 2.31 -0.51 -1.81
CA LEU A 10 1.50 -0.42 -3.03
C LEU A 10 2.39 -0.41 -4.27
N ARG A 11 3.62 0.05 -4.10
CA ARG A 11 4.57 0.12 -5.20
C ARG A 11 4.89 -1.27 -5.74
N ARG A 12 5.36 -2.15 -4.86
CA ARG A 12 5.71 -3.51 -5.24
C ARG A 12 4.45 -4.39 -5.30
N ARG A 13 3.62 -4.30 -4.26
CA ARG A 13 2.40 -5.09 -4.20
C ARG A 13 1.18 -4.18 -4.07
N ASP A 14 0.70 -3.67 -5.20
CA ASP A 14 -0.46 -2.79 -5.21
C ASP A 14 -1.72 -3.55 -4.83
N ARG A 15 -1.60 -4.88 -4.73
CA ARG A 15 -2.73 -5.73 -4.39
C ARG A 15 -3.42 -5.21 -3.12
N LEU A 16 -2.64 -4.64 -2.22
CA LEU A 16 -3.17 -4.10 -0.96
C LEU A 16 -4.28 -3.09 -1.23
N GLN A 17 -4.24 -2.48 -2.41
CA GLN A 17 -5.25 -1.49 -2.78
C GLN A 17 -6.66 -2.05 -2.60
N ARG A 18 -6.81 -3.35 -2.83
CA ARG A 18 -8.10 -4.00 -2.70
C ARG A 18 -8.41 -4.31 -1.24
N GLN A 19 -7.39 -4.74 -0.50
CA GLN A 19 -7.55 -5.06 0.92
C GLN A 19 -7.90 -3.81 1.72
N ALA A 20 -7.38 -2.67 1.28
CA ALA A 20 -7.64 -1.40 1.96
C ALA A 20 -7.78 -0.27 0.97
N ARG A 1 0.69 8.62 8.45
CA ARG A 1 1.46 7.48 8.91
C ARG A 1 1.29 6.29 7.97
N TRP A 2 0.04 5.97 7.64
CA TRP A 2 -0.25 4.86 6.76
C TRP A 2 0.36 5.08 5.38
N LYS A 3 0.57 6.34 5.03
CA LYS A 3 1.15 6.69 3.74
C LYS A 3 2.55 6.09 3.59
N ARG A 4 3.29 6.06 4.70
CA ARG A 4 4.64 5.52 4.69
C ARG A 4 4.61 3.99 4.68
N HIS A 5 3.53 3.42 5.20
CA HIS A 5 3.39 1.97 5.25
C HIS A 5 2.76 1.45 3.96
N ILE A 6 2.14 2.34 3.20
CA ILE A 6 1.51 1.97 1.94
C ILE A 6 2.35 2.42 0.75
N SER A 7 3.01 3.56 0.90
CA SER A 7 3.84 4.11 -0.17
C SER A 7 4.82 3.05 -0.69
N GLU A 8 5.37 2.27 0.23
CA GLU A 8 6.32 1.22 -0.13
C GLU A 8 5.59 -0.02 -0.64
N GLN A 9 4.42 -0.28 -0.08
CA GLN A 9 3.62 -1.44 -0.47
C GLN A 9 2.99 -1.22 -1.84
N LEU A 10 2.19 -0.17 -1.95
CA LEU A 10 1.52 0.16 -3.21
C LEU A 10 2.52 0.18 -4.37
N ARG A 11 3.79 0.41 -4.05
CA ARG A 11 4.84 0.47 -5.05
C ARG A 11 5.25 -0.94 -5.49
N ARG A 12 5.31 -1.86 -4.52
CA ARG A 12 5.69 -3.24 -4.80
C ARG A 12 4.45 -4.11 -4.99
N ARG A 13 3.70 -4.31 -3.91
CA ARG A 13 2.49 -5.13 -3.96
C ARG A 13 1.27 -4.32 -3.55
N ASP A 14 0.72 -3.56 -4.50
CA ASP A 14 -0.45 -2.73 -4.25
C ASP A 14 -1.71 -3.60 -4.15
N ARG A 15 -1.72 -4.51 -3.17
CA ARG A 15 -2.86 -5.39 -2.97
C ARG A 15 -3.97 -4.69 -2.18
N LEU A 16 -3.62 -3.57 -1.58
CA LEU A 16 -4.57 -2.79 -0.78
C LEU A 16 -5.56 -2.06 -1.69
N GLN A 17 -5.18 -1.88 -2.95
CA GLN A 17 -6.02 -1.18 -3.91
C GLN A 17 -7.42 -1.82 -3.95
N ARG A 18 -7.48 -3.12 -3.71
CA ARG A 18 -8.74 -3.84 -3.73
C ARG A 18 -9.48 -3.68 -2.39
N GLN A 19 -8.70 -3.63 -1.31
CA GLN A 19 -9.28 -3.50 0.02
C GLN A 19 -10.00 -2.15 0.17
N ALA A 20 -9.37 -1.08 -0.30
CA ALA A 20 -9.95 0.24 -0.22
C ALA A 20 -11.00 0.45 -1.32
N ARG A 1 3.84 8.26 9.19
CA ARG A 1 2.46 7.81 9.07
C ARG A 1 2.39 6.47 8.34
N TRP A 2 1.18 5.91 8.24
CA TRP A 2 0.98 4.64 7.57
C TRP A 2 1.16 4.80 6.06
N LYS A 3 1.09 6.03 5.58
CA LYS A 3 1.23 6.31 4.16
C LYS A 3 2.61 5.88 3.66
N ARG A 4 3.62 6.05 4.52
CA ARG A 4 4.98 5.67 4.16
C ARG A 4 5.17 4.15 4.24
N HIS A 5 4.39 3.52 5.11
CA HIS A 5 4.48 2.07 5.29
C HIS A 5 3.58 1.35 4.27
N ILE A 6 2.61 2.07 3.73
CA ILE A 6 1.69 1.51 2.75
C ILE A 6 2.11 1.88 1.33
N SER A 7 2.62 3.10 1.16
CA SER A 7 3.05 3.57 -0.14
C SER A 7 4.00 2.57 -0.80
N GLU A 8 4.92 2.03 -0.02
CA GLU A 8 5.89 1.06 -0.52
C GLU A 8 5.26 -0.33 -0.62
N GLN A 9 4.34 -0.63 0.29
CA GLN A 9 3.66 -1.91 0.31
C GLN A 9 2.68 -2.03 -0.84
N LEU A 10 1.70 -1.13 -0.86
CA LEU A 10 0.67 -1.13 -1.91
C LEU A 10 1.31 -1.03 -3.29
N ARG A 11 2.54 -0.53 -3.33
CA ARG A 11 3.27 -0.38 -4.58
C ARG A 11 3.82 -1.73 -5.05
N ARG A 12 4.27 -2.54 -4.10
CA ARG A 12 4.82 -3.85 -4.42
C ARG A 12 3.72 -4.84 -4.79
N ARG A 13 3.37 -5.70 -3.85
CA ARG A 13 2.33 -6.70 -4.09
C ARG A 13 1.22 -6.57 -3.04
N ASP A 14 1.54 -5.98 -1.91
CA ASP A 14 0.58 -5.80 -0.83
C ASP A 14 -0.37 -4.65 -1.14
N ARG A 15 -1.09 -4.77 -2.26
CA ARG A 15 -2.03 -3.73 -2.68
C ARG A 15 -3.31 -3.79 -1.84
N LEU A 16 -3.16 -3.66 -0.54
CA LEU A 16 -4.30 -3.70 0.37
C LEU A 16 -5.40 -2.75 -0.09
N GLN A 17 -5.00 -1.64 -0.70
CA GLN A 17 -5.95 -0.65 -1.20
C GLN A 17 -6.99 -1.30 -2.10
N ARG A 18 -6.54 -2.22 -2.95
CA ARG A 18 -7.43 -2.91 -3.87
C ARG A 18 -8.50 -3.68 -3.11
N GLN A 19 -8.19 -4.07 -1.88
CA GLN A 19 -9.13 -4.81 -1.04
C GLN A 19 -10.07 -3.87 -0.30
N ALA A 20 -9.50 -3.05 0.57
CA ALA A 20 -10.29 -2.09 1.34
C ALA A 20 -10.30 -0.72 0.67
N ARG A 1 3.67 8.51 8.85
CA ARG A 1 2.33 7.94 8.88
C ARG A 1 2.30 6.59 8.16
N TRP A 2 1.11 6.01 8.09
CA TRP A 2 0.95 4.71 7.43
C TRP A 2 1.14 4.84 5.91
N LYS A 3 1.04 6.07 5.41
CA LYS A 3 1.21 6.33 3.99
C LYS A 3 2.60 5.92 3.52
N ARG A 4 3.59 6.13 4.38
CA ARG A 4 4.97 5.78 4.04
C ARG A 4 5.19 4.28 4.16
N HIS A 5 4.42 3.64 5.03
CA HIS A 5 4.52 2.20 5.23
C HIS A 5 3.66 1.44 4.23
N ILE A 6 2.67 2.12 3.65
CA ILE A 6 1.80 1.51 2.67
C ILE A 6 2.22 1.86 1.25
N SER A 7 2.70 3.09 1.07
CA SER A 7 3.14 3.56 -0.24
C SER A 7 4.12 2.57 -0.86
N GLU A 8 5.04 2.06 -0.05
CA GLU A 8 6.04 1.11 -0.52
C GLU A 8 5.45 -0.30 -0.61
N GLN A 9 4.52 -0.59 0.29
CA GLN A 9 3.88 -1.90 0.32
C GLN A 9 2.90 -2.05 -0.84
N LEU A 10 1.90 -1.18 -0.89
CA LEU A 10 0.90 -1.22 -1.95
C LEU A 10 1.55 -1.13 -3.32
N ARG A 11 2.77 -0.61 -3.36
CA ARG A 11 3.52 -0.47 -4.60
C ARG A 11 4.10 -1.81 -5.04
N ARG A 12 4.55 -2.60 -4.07
CA ARG A 12 5.14 -3.91 -4.36
C ARG A 12 4.06 -4.92 -4.73
N ARG A 13 3.72 -5.78 -3.77
CA ARG A 13 2.70 -6.80 -4.00
C ARG A 13 1.57 -6.68 -2.98
N ASP A 14 1.87 -6.06 -1.85
CA ASP A 14 0.88 -5.88 -0.80
C ASP A 14 -0.08 -4.76 -1.14
N ARG A 15 -0.78 -4.90 -2.26
CA ARG A 15 -1.74 -3.90 -2.70
C ARG A 15 -3.03 -3.97 -1.89
N LEU A 16 -2.90 -3.80 -0.58
CA LEU A 16 -4.05 -3.86 0.31
C LEU A 16 -5.16 -2.94 -0.18
N GLN A 17 -4.77 -1.84 -0.83
CA GLN A 17 -5.73 -0.88 -1.36
C GLN A 17 -6.79 -1.57 -2.20
N ARG A 18 -6.35 -2.47 -3.07
CA ARG A 18 -7.27 -3.20 -3.95
C ARG A 18 -8.34 -3.92 -3.13
N GLN A 19 -8.00 -4.27 -1.89
CA GLN A 19 -8.93 -4.95 -1.01
C GLN A 19 -9.83 -3.96 -0.28
N ALA A 20 -9.21 -3.10 0.53
CA ALA A 20 -9.95 -2.09 1.28
C ALA A 20 -10.18 -0.84 0.45
N ARG A 1 1.26 9.40 7.34
CA ARG A 1 1.98 8.41 8.13
C ARG A 1 1.93 7.04 7.45
N TRP A 2 0.74 6.46 7.37
CA TRP A 2 0.56 5.16 6.76
C TRP A 2 0.80 5.23 5.25
N LYS A 3 0.74 6.44 4.71
CA LYS A 3 0.96 6.64 3.28
C LYS A 3 2.35 6.18 2.86
N ARG A 4 3.33 6.39 3.74
CA ARG A 4 4.70 5.99 3.47
C ARG A 4 4.88 4.49 3.64
N HIS A 5 4.06 3.90 4.51
CA HIS A 5 4.13 2.47 4.77
C HIS A 5 3.29 1.69 3.76
N ILE A 6 2.33 2.38 3.14
CA ILE A 6 1.46 1.77 2.15
C ILE A 6 1.93 2.05 0.74
N SER A 7 2.45 3.26 0.53
CA SER A 7 2.94 3.66 -0.79
C SER A 7 3.91 2.63 -1.35
N GLU A 8 4.80 2.13 -0.51
CA GLU A 8 5.78 1.13 -0.91
C GLU A 8 5.15 -0.26 -0.96
N GLN A 9 4.21 -0.51 -0.05
CA GLN A 9 3.54 -1.80 0.01
C GLN A 9 2.60 -1.98 -1.16
N LEU A 10 1.62 -1.08 -1.28
CA LEU A 10 0.65 -1.14 -2.36
C LEU A 10 1.34 -1.11 -3.72
N ARG A 11 2.58 -0.62 -3.74
CA ARG A 11 3.35 -0.54 -4.96
C ARG A 11 3.94 -1.90 -5.33
N ARG A 12 4.33 -2.67 -4.32
CA ARG A 12 4.91 -3.99 -4.54
C ARG A 12 3.82 -5.00 -4.91
N ARG A 13 3.43 -5.82 -3.94
CA ARG A 13 2.40 -6.83 -4.16
C ARG A 13 1.25 -6.65 -3.18
N ASP A 14 1.52 -6.00 -2.06
CA ASP A 14 0.51 -5.76 -1.05
C ASP A 14 -0.43 -4.62 -1.46
N ARG A 15 -1.09 -4.80 -2.60
CA ARG A 15 -2.01 -3.80 -3.11
C ARG A 15 -3.33 -3.81 -2.33
N LEU A 16 -3.23 -3.58 -1.02
CA LEU A 16 -4.41 -3.57 -0.17
C LEU A 16 -5.49 -2.65 -0.73
N GLN A 17 -5.05 -1.61 -1.45
CA GLN A 17 -5.98 -0.65 -2.04
C GLN A 17 -7.07 -1.37 -2.83
N ARG A 18 -6.70 -2.51 -3.42
CA ARG A 18 -7.65 -3.28 -4.22
C ARG A 18 -8.47 -4.22 -3.32
N GLN A 19 -7.85 -4.67 -2.23
CA GLN A 19 -8.53 -5.57 -1.31
C GLN A 19 -9.60 -4.83 -0.52
N ALA A 20 -9.39 -3.55 -0.29
CA ALA A 20 -10.35 -2.73 0.45
C ALA A 20 -10.66 -3.35 1.80
N ARG A 1 1.00 9.31 7.37
CA ARG A 1 1.65 8.31 8.21
C ARG A 1 1.57 6.92 7.57
N TRP A 2 0.37 6.34 7.57
CA TRP A 2 0.16 5.03 6.97
C TRP A 2 0.41 5.06 5.47
N LYS A 3 0.25 6.23 4.87
CA LYS A 3 0.46 6.39 3.44
C LYS A 3 1.89 6.05 3.06
N ARG A 4 2.84 6.38 3.92
CA ARG A 4 4.24 6.10 3.67
C ARG A 4 4.55 4.62 3.91
N HIS A 5 3.77 3.99 4.79
CA HIS A 5 3.96 2.58 5.10
C HIS A 5 3.20 1.69 4.12
N ILE A 6 2.25 2.29 3.41
CA ILE A 6 1.46 1.55 2.44
C ILE A 6 1.88 1.88 1.01
N SER A 7 2.32 3.12 0.81
CA SER A 7 2.76 3.57 -0.51
C SER A 7 3.76 2.59 -1.11
N GLU A 8 4.72 2.16 -0.30
CA GLU A 8 5.74 1.22 -0.75
C GLU A 8 5.19 -0.20 -0.79
N GLN A 9 4.32 -0.52 0.16
CA GLN A 9 3.73 -1.85 0.24
C GLN A 9 2.78 -2.08 -0.93
N LEU A 10 1.76 -1.25 -1.03
CA LEU A 10 0.77 -1.36 -2.11
C LEU A 10 1.47 -1.44 -3.47
N ARG A 11 2.65 -0.87 -3.56
CA ARG A 11 3.42 -0.88 -4.80
C ARG A 11 3.92 -2.28 -5.12
N ARG A 12 4.39 -2.98 -4.10
CA ARG A 12 4.90 -4.34 -4.27
C ARG A 12 3.75 -5.32 -4.55
N ARG A 13 3.38 -6.09 -3.54
CA ARG A 13 2.30 -7.07 -3.68
C ARG A 13 1.21 -6.82 -2.64
N ASP A 14 1.56 -6.10 -1.58
CA ASP A 14 0.60 -5.79 -0.53
C ASP A 14 -0.35 -4.68 -0.96
N ARG A 15 -1.06 -4.90 -2.05
CA ARG A 15 -1.99 -3.91 -2.57
C ARG A 15 -3.31 -3.94 -1.79
N LEU A 16 -3.21 -3.72 -0.48
CA LEU A 16 -4.38 -3.73 0.38
C LEU A 16 -5.48 -2.82 -0.18
N GLN A 17 -5.07 -1.78 -0.90
CA GLN A 17 -6.02 -0.84 -1.50
C GLN A 17 -7.08 -1.58 -2.30
N ARG A 18 -6.64 -2.45 -3.20
CA ARG A 18 -7.56 -3.22 -4.04
C ARG A 18 -8.18 -4.36 -3.25
N GLN A 19 -7.48 -4.82 -2.22
CA GLN A 19 -7.95 -5.91 -1.38
C GLN A 19 -9.21 -5.50 -0.62
N ALA A 20 -9.10 -4.43 0.15
CA ALA A 20 -10.23 -3.92 0.92
C ALA A 20 -10.69 -4.95 1.95
N ARG A 1 3.46 7.47 10.26
CA ARG A 1 2.07 7.26 9.87
C ARG A 1 1.93 5.98 9.04
N TRP A 2 0.72 5.70 8.59
CA TRP A 2 0.45 4.51 7.78
C TRP A 2 0.78 4.77 6.31
N LYS A 3 0.86 6.04 5.94
CA LYS A 3 1.17 6.42 4.57
C LYS A 3 2.53 5.90 4.16
N ARG A 4 3.48 5.90 5.09
CA ARG A 4 4.83 5.42 4.82
C ARG A 4 4.87 3.89 4.79
N HIS A 5 3.96 3.27 5.52
CA HIS A 5 3.89 1.81 5.58
C HIS A 5 3.04 1.27 4.43
N ILE A 6 2.18 2.12 3.88
CA ILE A 6 1.31 1.72 2.77
C ILE A 6 1.89 2.15 1.44
N SER A 7 2.52 3.32 1.41
CA SER A 7 3.11 3.86 0.20
C SER A 7 4.05 2.83 -0.45
N GLU A 8 4.81 2.14 0.39
CA GLU A 8 5.75 1.13 -0.11
C GLU A 8 5.03 -0.18 -0.39
N GLN A 9 4.01 -0.48 0.41
CA GLN A 9 3.24 -1.71 0.24
C GLN A 9 2.35 -1.63 -1.00
N LEU A 10 1.46 -0.64 -1.01
CA LEU A 10 0.55 -0.44 -2.14
C LEU A 10 1.32 -0.26 -3.44
N ARG A 11 2.59 0.12 -3.32
CA ARG A 11 3.44 0.33 -4.48
C ARG A 11 4.01 -1.00 -5.00
N ARG A 12 4.30 -1.90 -4.07
CA ARG A 12 4.85 -3.20 -4.42
C ARG A 12 4.00 -3.88 -5.50
N ARG A 13 2.93 -4.53 -5.07
CA ARG A 13 2.03 -5.21 -6.01
C ARG A 13 0.61 -4.69 -5.88
N ASP A 14 -0.31 -5.58 -5.49
CA ASP A 14 -1.71 -5.20 -5.32
C ASP A 14 -2.20 -5.53 -3.92
N ARG A 15 -1.82 -4.70 -2.95
CA ARG A 15 -2.22 -4.90 -1.56
C ARG A 15 -3.59 -4.29 -1.30
N LEU A 16 -3.60 -2.99 -1.04
CA LEU A 16 -4.85 -2.27 -0.77
C LEU A 16 -5.49 -1.78 -2.06
N GLN A 17 -4.65 -1.37 -3.00
CA GLN A 17 -5.14 -0.87 -4.29
C GLN A 17 -6.15 -1.83 -4.90
N ARG A 18 -5.95 -3.12 -4.66
CA ARG A 18 -6.85 -4.15 -5.19
C ARG A 18 -8.04 -4.36 -4.26
N GLN A 19 -7.77 -4.35 -2.95
CA GLN A 19 -8.81 -4.54 -1.95
C GLN A 19 -9.86 -3.44 -2.04
N ALA A 20 -9.42 -2.21 -1.83
CA ALA A 20 -10.32 -1.05 -1.88
C ALA A 20 -10.37 -0.46 -3.27
#